data_6UFG
#
_entry.id   6UFG
#
_cell.length_a   77.209
_cell.length_b   77.209
_cell.length_c   172.754
_cell.angle_alpha   90.000
_cell.angle_beta   90.000
_cell.angle_gamma   90.000
#
_symmetry.space_group_name_H-M   'P 41'
#
loop_
_entity.id
_entity.type
_entity.pdbx_description
1 polymer 'RNA (77-MER)'
2 polymer 'RNA (166-MER)'
3 non-polymer 'MAGNESIUM ION'
4 non-polymer 'POTASSIUM ION'
#
loop_
_entity_poly.entity_id
_entity_poly.type
_entity_poly.pdbx_seq_one_letter_code
_entity_poly.pdbx_strand_id
1 'polyribonucleotide' GGGCCUAUAGCUCAGGCGGUUAGAGCGCUUCGCUGAUAACGAAGAGGUCGGAGGUUCAAGUCCUCCUAGGCCCGCCA B
2 'polyribonucleotide'
;(GTP)GCAUCGAUCCGGCGAUCACCGGGGAGCCUUCGGAAGAACGGCCGGUUAGGCCCAGUAGAACCGAACGGGUUGGCC
CGUCACAGCCUCAAGUCGAGCGGCCGCGCGAAAGCGUGGCAAGCGGGGUGGCACCGCGGCGUUCGCGCGAAAGCGUGGCG
UCGUCCCCG(CCC)
;
A
#